data_4NPH
#
_entry.id   4NPH
#
_cell.length_a   138.138
_cell.length_b   76.312
_cell.length_c   39.094
_cell.angle_alpha   90.00
_cell.angle_beta   103.71
_cell.angle_gamma   90.00
#
_symmetry.space_group_name_H-M   'C 1 2 1'
#
loop_
_entity.id
_entity.type
_entity.pdbx_description
1 polymer 'Probable secretion system apparatus ATP synthase SsaN'
2 water water
#
_entity_poly.entity_id   1
_entity_poly.type   'polypeptide(L)'
_entity_poly.pdbx_seq_one_letter_code
;MQVPVGEALLGRVIDGFGRPLDGRELPDVCWKDYDAMPPPAMVRQPITQPLMTGIRAIDSVATCGEGQRVGIFSAPGVGK
STLLAMLCNAPDADSNVLVLIGERGREVREFIDFTLSEETRKRCVIVVATSDRPALERVRALFVATTIAEFFRDNGKRVV
LLADSLTRYARAAREIALAAGETAVSGEYPPGVFSALPRLLERTGMGEKGSITAFYTVLVEGDDMNEPLADEVRSLLDGH
IVLSRRLAERGHYPAIDVLATLSRVFPVVTSHEHRQLAAILRRCLALYQEVELLIRIGEYQRGVDTDTDKAIDTYPDICT
FLRQSKDEVCGPELLIEKLHQILTEHHHHHH
;
_entity_poly.pdbx_strand_id   A
#
# COMPACT_ATOMS: atom_id res chain seq x y z
N GLN A 2 25.20 -2.84 -10.37
CA GLN A 2 25.40 -2.15 -9.09
C GLN A 2 24.23 -1.22 -8.77
N VAL A 3 23.95 -1.05 -7.48
CA VAL A 3 22.87 -0.17 -7.04
C VAL A 3 23.36 1.02 -6.22
N PRO A 4 22.99 2.23 -6.62
CA PRO A 4 23.34 3.42 -5.83
C PRO A 4 22.49 3.52 -4.58
N VAL A 5 23.12 3.72 -3.43
CA VAL A 5 22.42 3.84 -2.16
C VAL A 5 22.95 5.04 -1.37
N GLY A 6 22.07 5.69 -0.62
CA GLY A 6 22.47 6.79 0.24
C GLY A 6 21.36 7.75 0.56
N GLU A 7 21.50 8.45 1.67
CA GLU A 7 20.51 9.42 2.11
C GLU A 7 20.34 10.53 1.08
N ALA A 8 21.30 10.68 0.18
CA ALA A 8 21.26 11.77 -0.79
C ALA A 8 20.39 11.43 -1.99
N LEU A 9 19.92 10.18 -2.06
CA LEU A 9 18.98 9.78 -3.10
C LEU A 9 17.56 10.27 -2.82
N LEU A 10 17.28 10.62 -1.56
CA LEU A 10 15.98 11.19 -1.22
C LEU A 10 15.69 12.44 -2.02
N GLY A 11 14.55 12.46 -2.71
CA GLY A 11 14.19 13.59 -3.53
C GLY A 11 14.61 13.38 -4.96
N ARG A 12 15.18 12.22 -5.24
CA ARG A 12 15.63 11.90 -6.60
C ARG A 12 14.75 10.87 -7.29
N VAL A 13 14.75 10.93 -8.62
CA VAL A 13 14.04 9.96 -9.43
C VAL A 13 15.05 9.27 -10.33
N ILE A 14 15.11 7.95 -10.23
CA ILE A 14 16.08 7.14 -10.97
C ILE A 14 15.37 6.01 -11.69
N ASP A 15 16.12 5.28 -12.53
CA ASP A 15 15.54 4.20 -13.31
C ASP A 15 15.94 2.83 -12.79
N GLY A 16 15.50 1.80 -13.51
CA GLY A 16 15.79 0.42 -13.16
C GLY A 16 17.25 0.07 -13.02
N PHE A 17 18.11 0.81 -13.69
CA PHE A 17 19.52 0.58 -13.53
C PHE A 17 20.10 1.53 -12.53
N GLY A 18 19.48 2.69 -12.44
CA GLY A 18 19.89 3.63 -11.43
C GLY A 18 20.40 4.93 -11.98
N ARG A 19 19.91 5.29 -13.14
CA ARG A 19 20.28 6.53 -13.74
C ARG A 19 19.22 7.54 -13.47
N PRO A 20 19.64 8.73 -13.12
CA PRO A 20 18.77 9.86 -12.91
C PRO A 20 17.83 10.15 -14.06
N LEU A 21 16.60 10.51 -13.75
CA LEU A 21 15.60 10.89 -14.71
C LEU A 21 15.13 12.28 -14.46
N ASP A 22 15.75 12.95 -13.52
CA ASP A 22 15.22 14.20 -13.01
C ASP A 22 15.85 15.40 -13.68
N GLY A 23 16.53 15.16 -14.78
CA GLY A 23 17.18 16.21 -15.55
C GLY A 23 18.42 16.78 -14.87
N ARG A 24 19.09 15.93 -14.07
CA ARG A 24 20.29 16.34 -13.37
C ARG A 24 21.15 15.12 -13.05
N GLU A 25 22.42 15.34 -12.78
CA GLU A 25 23.34 14.24 -12.52
C GLU A 25 23.11 13.67 -11.13
N LEU A 26 23.46 12.40 -10.95
CA LEU A 26 23.32 11.73 -9.67
C LEU A 26 24.30 12.30 -8.65
N PRO A 27 23.89 12.33 -7.37
CA PRO A 27 24.74 12.88 -6.31
C PRO A 27 25.85 11.91 -5.93
N ASP A 28 26.64 12.27 -4.92
CA ASP A 28 27.69 11.39 -4.46
C ASP A 28 27.15 10.41 -3.42
N VAL A 29 27.09 9.13 -3.78
CA VAL A 29 26.55 8.12 -2.88
C VAL A 29 27.26 6.78 -3.06
N CYS A 30 27.10 5.89 -2.09
CA CYS A 30 27.75 4.58 -2.12
C CYS A 30 27.08 3.63 -3.11
N TRP A 31 27.77 2.55 -3.44
CA TRP A 31 27.25 1.54 -4.36
C TRP A 31 27.24 0.17 -3.72
N LYS A 32 26.16 -0.58 -3.94
CA LYS A 32 25.99 -1.88 -3.32
C LYS A 32 25.49 -2.92 -4.32
N ALA A 41 15.34 -15.26 5.00
CA ALA A 41 14.98 -16.63 5.30
C ALA A 41 13.49 -16.76 5.62
N MET A 42 13.08 -17.83 6.29
CA MET A 42 11.66 -18.09 6.59
C MET A 42 10.88 -17.03 7.38
N VAL A 43 11.42 -16.65 8.52
CA VAL A 43 10.77 -15.64 9.33
C VAL A 43 11.77 -14.60 9.71
N ARG A 44 11.28 -13.42 10.00
CA ARG A 44 12.10 -12.32 10.43
C ARG A 44 11.73 -12.05 11.85
N GLN A 45 12.20 -10.94 12.40
CA GLN A 45 11.83 -10.54 13.73
C GLN A 45 10.35 -10.33 13.81
N PRO A 46 9.80 -10.53 15.07
CA PRO A 46 8.34 -10.36 15.11
C PRO A 46 7.88 -8.96 14.86
N ILE A 47 6.68 -8.83 14.34
CA ILE A 47 6.05 -7.55 14.20
C ILE A 47 5.28 -7.21 15.45
N THR A 48 5.62 -6.11 16.09
CA THR A 48 5.05 -5.69 17.36
C THR A 48 4.58 -4.24 17.48
N GLN A 49 5.00 -3.38 16.59
CA GLN A 49 4.64 -1.97 16.69
C GLN A 49 3.74 -1.56 15.54
N PRO A 50 2.76 -0.67 15.82
CA PRO A 50 1.91 -0.19 14.74
C PRO A 50 2.71 0.75 13.85
N LEU A 51 2.37 0.75 12.57
CA LEU A 51 2.84 1.81 11.70
C LEU A 51 1.62 2.55 11.19
N MET A 52 1.29 3.68 11.81
CA MET A 52 0.09 4.40 11.41
C MET A 52 0.28 4.98 9.99
N THR A 53 -0.64 4.70 9.08
CA THR A 53 -0.59 5.31 7.73
C THR A 53 -1.13 6.75 7.66
N GLY A 54 -1.95 7.14 8.63
CA GLY A 54 -2.66 8.41 8.52
C GLY A 54 -3.90 8.31 7.61
N ILE A 55 -4.15 7.12 7.07
CA ILE A 55 -5.39 6.84 6.30
C ILE A 55 -6.41 6.17 7.21
N ARG A 56 -7.52 6.83 7.50
CA ARG A 56 -8.43 6.35 8.53
C ARG A 56 -9.04 4.97 8.23
N ALA A 57 -9.31 4.67 6.97
CA ALA A 57 -9.93 3.37 6.65
C ALA A 57 -8.96 2.22 6.95
N ILE A 58 -7.69 2.47 6.69
CA ILE A 58 -6.66 1.46 6.99
C ILE A 58 -6.37 1.41 8.49
N ASP A 59 -6.07 2.57 9.09
CA ASP A 59 -5.64 2.57 10.49
C ASP A 59 -6.75 2.10 11.41
N SER A 60 -8.01 2.29 11.04
CA SER A 60 -9.10 1.92 11.95
C SER A 60 -9.31 0.39 12.07
N VAL A 61 -9.42 -0.30 10.94
CA VAL A 61 -9.85 -1.72 10.98
C VAL A 61 -8.81 -2.68 10.45
N ALA A 62 -7.76 -2.13 9.85
CA ALA A 62 -6.68 -2.93 9.27
C ALA A 62 -5.29 -2.41 9.59
N THR A 63 -5.11 -1.98 10.84
CA THR A 63 -3.84 -1.36 11.27
C THR A 63 -2.61 -2.15 10.86
N CYS A 64 -1.69 -1.46 10.17
CA CYS A 64 -0.44 -2.04 9.72
C CYS A 64 0.60 -2.08 10.84
N GLY A 65 1.55 -3.00 10.68
CA GLY A 65 2.65 -3.14 11.60
C GLY A 65 3.93 -2.69 10.97
N GLU A 66 4.80 -2.11 11.81
CA GLU A 66 6.15 -1.82 11.36
C GLU A 66 6.83 -3.13 10.92
N GLY A 67 7.27 -3.19 9.66
CA GLY A 67 7.87 -4.41 9.12
C GLY A 67 6.90 -5.37 8.42
N GLN A 68 5.62 -5.03 8.42
CA GLN A 68 4.60 -5.79 7.69
C GLN A 68 4.73 -5.69 6.18
N ARG A 69 4.30 -6.75 5.49
CA ARG A 69 4.18 -6.69 4.05
C ARG A 69 2.71 -6.86 3.72
N VAL A 70 2.21 -6.00 2.83
CA VAL A 70 0.79 -5.91 2.61
C VAL A 70 0.54 -5.82 1.12
N GLY A 71 -0.46 -6.56 0.63
CA GLY A 71 -0.83 -6.47 -0.77
C GLY A 71 -2.00 -5.52 -0.98
N ILE A 72 -1.96 -4.76 -2.06
CA ILE A 72 -3.05 -3.86 -2.42
C ILE A 72 -3.61 -4.38 -3.72
N PHE A 73 -4.84 -4.84 -3.66
CA PHE A 73 -5.50 -5.50 -4.77
C PHE A 73 -6.54 -4.57 -5.36
N SER A 74 -6.34 -4.20 -6.62
CA SER A 74 -7.26 -3.30 -7.30
C SER A 74 -7.43 -3.52 -8.79
N ALA A 75 -8.60 -3.11 -9.29
CA ALA A 75 -8.86 -2.99 -10.71
C ALA A 75 -8.31 -1.66 -11.19
N PRO A 76 -8.19 -1.47 -12.51
CA PRO A 76 -7.69 -0.19 -13.00
C PRO A 76 -8.63 0.98 -12.76
N GLY A 77 -8.08 2.17 -12.53
CA GLY A 77 -8.85 3.39 -12.40
C GLY A 77 -9.75 3.48 -11.19
N VAL A 78 -9.25 3.07 -10.03
CA VAL A 78 -10.02 3.15 -8.81
C VAL A 78 -9.34 4.08 -7.80
N GLY A 79 -8.35 4.84 -8.26
CA GLY A 79 -7.65 5.80 -7.41
C GLY A 79 -6.45 5.20 -6.69
N LYS A 80 -5.94 4.08 -7.21
CA LYS A 80 -4.79 3.43 -6.61
C LYS A 80 -3.59 4.39 -6.43
N SER A 81 -3.38 5.26 -7.43
CA SER A 81 -2.26 6.20 -7.39
C SER A 81 -2.38 7.21 -6.25
N THR A 82 -3.58 7.69 -5.99
CA THR A 82 -3.81 8.63 -4.91
C THR A 82 -3.66 7.92 -3.57
N LEU A 83 -4.06 6.66 -3.49
CA LEU A 83 -3.81 5.90 -2.27
C LEU A 83 -2.31 5.78 -2.01
N LEU A 84 -1.53 5.49 -3.05
CA LEU A 84 -0.08 5.38 -2.90
C LEU A 84 0.55 6.71 -2.47
N ALA A 85 0.05 7.81 -3.02
CA ALA A 85 0.53 9.13 -2.63
C ALA A 85 0.23 9.39 -1.15
N MET A 86 -0.94 8.98 -0.68
CA MET A 86 -1.27 9.16 0.72
C MET A 86 -0.37 8.32 1.61
N LEU A 87 -0.08 7.10 1.16
CA LEU A 87 0.77 6.20 1.96
C LEU A 87 2.17 6.78 2.13
N CYS A 88 2.58 7.62 1.18
CA CYS A 88 3.84 8.32 1.28
C CYS A 88 3.91 9.34 2.41
N ASN A 89 2.76 9.71 2.98
CA ASN A 89 2.72 10.68 4.07
C ASN A 89 2.45 10.07 5.43
N ALA A 90 2.62 8.76 5.55
CA ALA A 90 2.47 8.08 6.85
C ALA A 90 3.27 8.81 7.92
N PRO A 91 2.60 9.18 9.02
CA PRO A 91 3.31 9.93 10.06
C PRO A 91 4.39 9.07 10.73
N ASP A 92 4.26 7.75 10.70
CA ASP A 92 5.24 6.90 11.41
C ASP A 92 6.50 6.49 10.61
N ALA A 93 6.62 6.92 9.36
CA ALA A 93 7.77 6.53 8.54
C ALA A 93 8.83 7.62 8.45
N ASP A 94 10.10 7.25 8.28
CA ASP A 94 11.14 8.24 8.06
C ASP A 94 11.27 8.61 6.59
N SER A 95 11.30 7.60 5.74
CA SER A 95 11.47 7.83 4.32
C SER A 95 10.79 6.76 3.46
N ASN A 96 10.69 7.06 2.17
CA ASN A 96 9.95 6.20 1.25
C ASN A 96 10.81 5.74 0.07
N VAL A 97 10.63 4.49 -0.33
CA VAL A 97 11.16 4.05 -1.60
C VAL A 97 9.95 3.67 -2.45
N LEU A 98 9.70 4.39 -3.53
CA LEU A 98 8.64 4.00 -4.45
C LEU A 98 9.24 3.37 -5.68
N VAL A 99 8.66 2.27 -6.13
CA VAL A 99 9.11 1.72 -7.40
C VAL A 99 7.90 1.53 -8.30
N LEU A 100 8.01 2.08 -9.50
CA LEU A 100 6.92 2.18 -10.46
C LEU A 100 7.32 1.37 -11.70
N ILE A 101 6.74 0.18 -11.85
CA ILE A 101 7.15 -0.76 -12.89
C ILE A 101 6.05 -0.98 -13.90
N GLY A 102 6.34 -0.69 -15.18
CA GLY A 102 5.49 -1.11 -16.28
C GLY A 102 4.30 -0.24 -16.64
N GLU A 103 4.27 0.98 -16.08
CA GLU A 103 3.22 1.92 -16.44
C GLU A 103 3.68 2.75 -17.64
N ARG A 104 2.74 3.40 -18.31
CA ARG A 104 3.07 4.30 -19.42
C ARG A 104 3.76 5.56 -18.92
N GLY A 105 4.53 6.18 -19.81
CA GLY A 105 5.22 7.43 -19.53
C GLY A 105 4.33 8.54 -19.00
N ARG A 106 3.24 8.83 -19.70
CA ARG A 106 2.37 9.92 -19.26
C ARG A 106 1.84 9.69 -17.85
N GLU A 107 1.35 8.48 -17.60
CA GLU A 107 0.78 8.15 -16.29
C GLU A 107 1.78 8.39 -15.16
N VAL A 108 3.00 7.90 -15.36
CA VAL A 108 4.04 8.05 -14.37
C VAL A 108 4.40 9.54 -14.19
N ARG A 109 4.57 10.24 -15.31
CA ARG A 109 4.87 11.67 -15.30
C ARG A 109 3.82 12.45 -14.52
N GLU A 110 2.55 12.16 -14.81
CA GLU A 110 1.44 12.79 -14.11
C GLU A 110 1.62 12.58 -12.62
N PHE A 111 1.82 11.32 -12.25
CA PHE A 111 1.89 10.92 -10.86
C PHE A 111 2.95 11.71 -10.10
N ILE A 112 4.15 11.78 -10.65
CA ILE A 112 5.24 12.42 -9.92
C ILE A 112 5.11 13.95 -9.91
N ASP A 113 4.66 14.52 -11.02
CA ASP A 113 4.59 15.97 -11.13
C ASP A 113 3.36 16.58 -10.47
N PHE A 114 2.22 15.89 -10.47
CA PHE A 114 0.98 16.51 -9.99
C PHE A 114 0.34 15.79 -8.80
N THR A 115 0.58 14.49 -8.66
CA THR A 115 -0.02 13.78 -7.55
C THR A 115 0.85 13.86 -6.29
N LEU A 116 2.15 13.60 -6.43
CA LEU A 116 3.07 13.78 -5.32
C LEU A 116 3.43 15.26 -5.12
N SER A 117 3.26 15.76 -3.90
CA SER A 117 3.65 17.12 -3.61
C SER A 117 5.17 17.24 -3.50
N GLU A 118 5.63 18.47 -3.45
CA GLU A 118 7.04 18.78 -3.27
C GLU A 118 7.61 18.21 -1.97
N GLU A 119 6.89 18.45 -0.88
CA GLU A 119 7.26 17.96 0.45
C GLU A 119 7.39 16.44 0.47
N THR A 120 6.42 15.75 -0.10
CA THR A 120 6.46 14.29 -0.20
C THR A 120 7.65 13.79 -1.03
N ARG A 121 7.93 14.43 -2.16
CA ARG A 121 9.00 13.95 -3.04
C ARG A 121 10.37 14.02 -2.37
N LYS A 122 10.61 15.06 -1.58
CA LYS A 122 11.84 15.18 -0.80
C LYS A 122 12.07 14.05 0.18
N ARG A 123 11.02 13.29 0.47
CA ARG A 123 11.12 12.18 1.41
C ARG A 123 11.05 10.85 0.70
N CYS A 124 11.21 10.85 -0.63
CA CYS A 124 11.12 9.61 -1.42
C CYS A 124 12.33 9.43 -2.29
N VAL A 125 12.68 8.17 -2.51
CA VAL A 125 13.49 7.82 -3.67
C VAL A 125 12.51 7.14 -4.63
N ILE A 126 12.41 7.64 -5.85
CA ILE A 126 11.46 7.11 -6.81
C ILE A 126 12.22 6.37 -7.91
N VAL A 127 11.92 5.08 -8.05
CA VAL A 127 12.56 4.23 -9.03
C VAL A 127 11.56 3.88 -10.13
N VAL A 128 11.90 4.22 -11.36
CA VAL A 128 10.95 4.17 -12.47
C VAL A 128 11.40 3.30 -13.63
N ALA A 129 10.55 2.35 -14.03
CA ALA A 129 10.82 1.58 -15.23
C ALA A 129 9.52 1.41 -15.99
N THR A 130 9.30 2.29 -16.96
CA THR A 130 8.05 2.30 -17.72
C THR A 130 7.91 1.10 -18.66
N SER A 131 6.70 0.92 -19.19
CA SER A 131 6.37 -0.19 -20.05
C SER A 131 7.21 -0.21 -21.34
N ASP A 132 7.63 0.97 -21.79
CA ASP A 132 8.44 1.06 -23.00
C ASP A 132 9.90 0.63 -22.76
N ARG A 133 10.27 0.42 -21.50
CA ARG A 133 11.64 0.01 -21.18
C ARG A 133 11.82 -1.49 -21.39
N PRO A 134 13.08 -1.96 -21.54
CA PRO A 134 13.33 -3.39 -21.70
C PRO A 134 12.85 -4.21 -20.51
N ALA A 135 12.44 -5.45 -20.75
CA ALA A 135 11.94 -6.34 -19.69
C ALA A 135 12.95 -6.45 -18.56
N LEU A 136 14.22 -6.52 -18.91
CA LEU A 136 15.28 -6.61 -17.90
C LEU A 136 15.32 -5.38 -16.97
N GLU A 137 14.93 -4.22 -17.49
CA GLU A 137 14.99 -3.00 -16.69
C GLU A 137 13.83 -2.97 -15.70
N ARG A 138 12.65 -3.33 -16.19
CA ARG A 138 11.47 -3.42 -15.37
C ARG A 138 11.67 -4.39 -14.21
N VAL A 139 12.33 -5.51 -14.47
CA VAL A 139 12.62 -6.49 -13.42
C VAL A 139 13.69 -5.97 -12.46
N ARG A 140 14.70 -5.28 -12.99
CA ARG A 140 15.80 -4.82 -12.16
C ARG A 140 15.34 -3.72 -11.20
N ALA A 141 14.33 -2.95 -11.61
CA ALA A 141 13.76 -1.87 -10.81
C ALA A 141 13.38 -2.31 -9.39
N LEU A 142 12.79 -3.51 -9.25
CA LEU A 142 12.38 -3.99 -7.93
C LEU A 142 13.59 -4.44 -7.08
N PHE A 143 14.65 -4.98 -7.71
CA PHE A 143 15.89 -5.32 -7.00
C PHE A 143 16.61 -4.09 -6.45
N VAL A 144 16.64 -3.05 -7.26
CA VAL A 144 17.23 -1.76 -6.91
C VAL A 144 16.46 -1.08 -5.76
N ALA A 145 15.15 -1.00 -5.90
CA ALA A 145 14.31 -0.41 -4.84
C ALA A 145 14.45 -1.18 -3.52
N THR A 146 14.59 -2.50 -3.59
CA THR A 146 14.65 -3.31 -2.38
C THR A 146 16.01 -3.10 -1.68
N THR A 147 17.07 -2.94 -2.48
CA THR A 147 18.41 -2.71 -1.96
C THR A 147 18.56 -1.33 -1.34
N ILE A 148 18.01 -0.32 -2.00
CA ILE A 148 17.94 1.03 -1.44
C ILE A 148 17.14 1.08 -0.12
N ALA A 149 16.02 0.37 -0.07
CA ALA A 149 15.22 0.29 1.18
C ALA A 149 16.00 -0.42 2.31
N GLU A 150 16.73 -1.47 1.95
CA GLU A 150 17.53 -2.23 2.91
C GLU A 150 18.66 -1.37 3.50
N PHE A 151 19.24 -0.50 2.68
CA PHE A 151 20.30 0.38 3.14
C PHE A 151 19.78 1.40 4.15
N PHE A 152 18.58 1.93 3.91
CA PHE A 152 17.95 2.83 4.88
C PHE A 152 17.63 2.09 6.18
N ARG A 153 17.14 0.86 6.05
CA ARG A 153 16.84 0.02 7.20
C ARG A 153 18.07 -0.19 8.10
N ASP A 154 19.22 -0.40 7.48
CA ASP A 154 20.47 -0.64 8.22
C ASP A 154 21.00 0.63 8.88
N ASN A 155 20.56 1.79 8.41
CA ASN A 155 20.89 3.05 9.05
C ASN A 155 19.89 3.41 10.15
N GLY A 156 19.01 2.47 10.49
CA GLY A 156 18.08 2.66 11.58
C GLY A 156 16.87 3.50 11.24
N LYS A 157 16.43 3.41 9.99
CA LYS A 157 15.23 4.13 9.56
C LYS A 157 14.02 3.20 9.48
N ARG A 158 12.84 3.77 9.71
CA ARG A 158 11.59 3.13 9.35
C ARG A 158 11.24 3.51 7.92
N VAL A 159 11.47 2.56 7.02
CA VAL A 159 11.25 2.75 5.62
C VAL A 159 9.89 2.21 5.21
N VAL A 160 9.22 2.91 4.31
CA VAL A 160 8.05 2.36 3.64
C VAL A 160 8.41 2.08 2.18
N LEU A 161 8.20 0.85 1.74
CA LEU A 161 8.46 0.49 0.35
C LEU A 161 7.11 0.32 -0.34
N LEU A 162 6.93 1.02 -1.45
CA LEU A 162 5.68 0.98 -2.20
C LEU A 162 6.02 0.45 -3.58
N ALA A 163 5.39 -0.64 -4.01
CA ALA A 163 5.75 -1.21 -5.30
C ALA A 163 4.52 -1.35 -6.19
N ASP A 164 4.53 -0.64 -7.30
CA ASP A 164 3.42 -0.63 -8.24
C ASP A 164 3.93 -0.98 -9.64
N SER A 165 3.76 -2.22 -10.12
CA SER A 165 3.03 -3.29 -9.48
C SER A 165 3.79 -4.62 -9.56
N LEU A 166 3.49 -5.53 -8.64
CA LEU A 166 3.97 -6.92 -8.75
C LEU A 166 3.48 -7.57 -10.01
N THR A 167 2.27 -7.24 -10.44
CA THR A 167 1.70 -7.76 -11.69
C THR A 167 2.56 -7.46 -12.91
N ARG A 168 2.99 -6.21 -13.07
CA ARG A 168 3.84 -5.85 -14.21
C ARG A 168 5.27 -6.33 -14.03
N TYR A 169 5.74 -6.43 -12.79
CA TYR A 169 7.01 -7.07 -12.53
C TYR A 169 6.97 -8.52 -13.04
N ALA A 170 5.89 -9.20 -12.70
CA ALA A 170 5.73 -10.61 -13.10
C ALA A 170 5.69 -10.75 -14.61
N ARG A 171 5.06 -9.79 -15.29
CA ARG A 171 4.98 -9.84 -16.74
C ARG A 171 6.35 -9.69 -17.39
N ALA A 172 7.16 -8.81 -16.82
CA ALA A 172 8.53 -8.63 -17.26
C ALA A 172 9.40 -9.86 -16.96
N ALA A 173 9.23 -10.45 -15.78
CA ALA A 173 9.98 -11.67 -15.46
C ALA A 173 9.67 -12.81 -16.44
N ARG A 174 8.41 -12.92 -16.84
CA ARG A 174 7.98 -13.95 -17.79
C ARG A 174 8.63 -13.72 -19.16
N GLU A 175 8.71 -12.46 -19.56
CA GLU A 175 9.41 -12.11 -20.79
C GLU A 175 10.88 -12.54 -20.75
N ILE A 176 11.51 -12.42 -19.59
CA ILE A 176 12.89 -12.86 -19.47
C ILE A 176 12.98 -14.38 -19.55
N ALA A 177 12.02 -15.07 -18.95
CA ALA A 177 11.99 -16.53 -19.01
C ALA A 177 11.81 -17.00 -20.45
N LEU A 178 11.01 -16.26 -21.22
CA LEU A 178 10.75 -16.64 -22.59
C LEU A 178 12.00 -16.46 -23.44
N ALA A 179 12.94 -15.64 -22.97
CA ALA A 179 14.21 -15.46 -23.66
C ALA A 179 15.36 -16.19 -22.94
N ALA A 180 15.05 -17.10 -22.03
CA ALA A 180 16.10 -17.72 -21.22
C ALA A 180 17.07 -18.54 -22.08
N GLY A 181 16.63 -18.92 -23.27
CA GLY A 181 17.47 -19.65 -24.19
C GLY A 181 18.77 -18.95 -24.53
N GLU A 182 18.75 -17.63 -24.63
CA GLU A 182 19.97 -16.89 -24.90
C GLU A 182 20.21 -15.80 -23.87
N THR A 183 20.97 -16.10 -22.82
CA THR A 183 21.56 -17.43 -22.60
C THR A 183 21.42 -17.87 -21.15
N ALA A 184 20.31 -17.48 -20.52
CA ALA A 184 20.00 -17.78 -19.12
C ALA A 184 21.12 -17.32 -18.18
N GLY A 192 19.61 -15.60 -9.84
CA GLY A 192 18.44 -16.41 -9.58
C GLY A 192 17.13 -15.67 -9.85
N VAL A 193 17.13 -14.80 -10.86
CA VAL A 193 15.97 -14.01 -11.23
C VAL A 193 14.66 -14.78 -11.42
N PHE A 194 14.73 -15.99 -11.96
CA PHE A 194 13.48 -16.70 -12.24
C PHE A 194 12.79 -17.17 -10.96
N SER A 195 13.57 -17.39 -9.90
CA SER A 195 12.95 -17.77 -8.63
C SER A 195 12.95 -16.59 -7.64
N ALA A 196 13.13 -15.38 -8.15
CA ALA A 196 13.44 -14.23 -7.32
C ALA A 196 12.26 -13.65 -6.54
N LEU A 197 11.05 -13.72 -7.09
CA LEU A 197 9.90 -13.02 -6.52
C LEU A 197 9.65 -13.28 -5.01
N PRO A 198 9.63 -14.55 -4.57
CA PRO A 198 9.43 -14.76 -3.13
C PRO A 198 10.60 -14.25 -2.28
N ARG A 199 11.81 -14.28 -2.83
CA ARG A 199 12.98 -13.86 -2.04
C ARG A 199 13.01 -12.34 -1.87
N LEU A 200 12.54 -11.61 -2.88
CA LEU A 200 12.48 -10.16 -2.81
C LEU A 200 11.50 -9.74 -1.71
N LEU A 201 10.33 -10.38 -1.67
CA LEU A 201 9.31 -10.08 -0.67
C LEU A 201 9.81 -10.38 0.74
N GLU A 202 10.65 -11.40 0.87
CA GLU A 202 11.15 -11.79 2.17
C GLU A 202 12.31 -10.92 2.63
N ARG A 203 12.83 -10.08 1.73
CA ARG A 203 13.90 -9.16 2.12
C ARG A 203 13.38 -7.94 2.90
N THR A 204 12.06 -7.73 2.91
CA THR A 204 11.49 -6.62 3.68
C THR A 204 11.09 -7.10 5.10
N GLY A 205 10.63 -6.20 5.97
CA GLY A 205 10.33 -6.59 7.34
C GLY A 205 11.17 -5.94 8.43
N MET A 206 11.01 -6.39 9.65
CA MET A 206 11.72 -5.83 10.78
C MET A 206 13.19 -6.20 10.80
N GLY A 207 13.97 -5.35 11.43
CA GLY A 207 15.41 -5.50 11.51
C GLY A 207 15.95 -4.96 12.80
N GLU A 208 17.25 -5.08 13.00
CA GLU A 208 17.87 -4.68 14.25
C GLU A 208 17.64 -3.21 14.58
N LYS A 209 18.07 -2.31 13.71
CA LYS A 209 17.96 -0.89 14.01
C LYS A 209 17.02 -0.18 13.09
N GLY A 210 16.04 -0.90 12.58
CA GLY A 210 15.23 -0.37 11.53
C GLY A 210 14.19 -1.33 11.00
N SER A 211 13.44 -0.89 10.01
CA SER A 211 12.42 -1.70 9.42
C SER A 211 12.08 -1.31 8.00
N ILE A 212 11.48 -2.25 7.28
CA ILE A 212 10.84 -1.96 6.01
C ILE A 212 9.44 -2.50 6.03
N THR A 213 8.48 -1.60 5.96
CA THR A 213 7.10 -1.95 5.77
C THR A 213 6.83 -1.79 4.30
N ALA A 214 6.09 -2.73 3.72
CA ALA A 214 6.01 -2.79 2.28
C ALA A 214 4.61 -3.03 1.80
N PHE A 215 4.23 -2.26 0.79
CA PHE A 215 2.94 -2.38 0.14
C PHE A 215 3.21 -2.74 -1.30
N TYR A 216 2.69 -3.88 -1.73
CA TYR A 216 2.87 -4.36 -3.09
C TYR A 216 1.54 -4.38 -3.78
N THR A 217 1.43 -3.74 -4.94
CA THR A 217 0.17 -3.74 -5.63
C THR A 217 0.03 -4.90 -6.60
N VAL A 218 -1.20 -5.39 -6.70
CA VAL A 218 -1.56 -6.49 -7.55
C VAL A 218 -2.79 -6.11 -8.38
N LEU A 219 -2.72 -6.30 -9.67
CA LEU A 219 -3.81 -5.94 -10.52
C LEU A 219 -4.82 -7.07 -10.63
N VAL A 220 -6.08 -6.77 -10.56
CA VAL A 220 -7.12 -7.73 -10.93
C VAL A 220 -8.05 -6.98 -11.85
N GLU A 221 -8.95 -7.63 -12.56
CA GLU A 221 -9.13 -9.05 -12.55
C GLU A 221 -8.63 -9.59 -13.88
N ASN A 226 -2.69 -12.72 -14.46
CA ASN A 226 -3.01 -11.83 -13.35
C ASN A 226 -3.55 -12.59 -12.13
N GLU A 227 -4.61 -13.36 -12.33
CA GLU A 227 -5.31 -14.05 -11.25
C GLU A 227 -4.45 -15.00 -10.38
N PRO A 228 -3.56 -15.81 -11.00
CA PRO A 228 -2.75 -16.68 -10.14
C PRO A 228 -1.71 -15.93 -9.32
N LEU A 229 -1.07 -14.93 -9.92
CA LEU A 229 -0.10 -14.10 -9.20
C LEU A 229 -0.70 -13.53 -7.93
N ALA A 230 -1.96 -13.11 -8.01
CA ALA A 230 -2.66 -12.58 -6.85
C ALA A 230 -2.75 -13.61 -5.75
N ASP A 231 -2.91 -14.88 -6.15
CA ASP A 231 -2.98 -15.98 -5.18
C ASP A 231 -1.62 -16.29 -4.58
N GLU A 232 -0.60 -16.28 -5.42
CA GLU A 232 0.78 -16.41 -4.94
C GLU A 232 1.16 -15.28 -3.96
N VAL A 233 0.85 -14.04 -4.30
CA VAL A 233 1.16 -12.90 -3.44
C VAL A 233 0.39 -12.97 -2.11
N ARG A 234 -0.87 -13.39 -2.13
CA ARG A 234 -1.62 -13.56 -0.89
C ARG A 234 -0.99 -14.58 0.06
N SER A 235 -0.40 -15.63 -0.50
CA SER A 235 0.18 -16.66 0.36
C SER A 235 1.47 -16.16 1.00
N LEU A 236 2.07 -15.14 0.38
CA LEU A 236 3.36 -14.67 0.82
C LEU A 236 3.30 -13.50 1.81
N LEU A 237 2.22 -12.71 1.78
CA LEU A 237 2.19 -11.46 2.53
C LEU A 237 1.43 -11.55 3.87
N ASP A 238 1.25 -10.41 4.54
CA ASP A 238 0.76 -10.35 5.92
C ASP A 238 -0.59 -9.63 6.04
N GLY A 239 -1.24 -9.43 4.92
CA GLY A 239 -2.49 -8.71 4.91
C GLY A 239 -2.79 -8.26 3.52
N HIS A 240 -4.02 -7.83 3.32
CA HIS A 240 -4.44 -7.37 2.00
C HIS A 240 -5.41 -6.21 2.16
N ILE A 241 -5.25 -5.21 1.29
CA ILE A 241 -6.15 -4.09 1.21
C ILE A 241 -6.81 -4.22 -0.14
N VAL A 242 -8.12 -4.23 -0.15
CA VAL A 242 -8.86 -4.45 -1.39
C VAL A 242 -9.50 -3.16 -1.82
N LEU A 243 -9.23 -2.73 -3.05
CA LEU A 243 -9.91 -1.55 -3.58
C LEU A 243 -11.10 -2.00 -4.41
N SER A 244 -12.15 -1.19 -4.38
CA SER A 244 -13.43 -1.55 -4.97
C SER A 244 -13.84 -0.59 -6.08
N ARG A 245 -14.13 -1.12 -7.25
CA ARG A 245 -14.60 -0.33 -8.39
C ARG A 245 -15.93 0.37 -8.10
N ARG A 246 -16.79 -0.31 -7.39
CA ARG A 246 -18.06 0.22 -6.98
C ARG A 246 -17.90 1.48 -6.12
N LEU A 247 -17.05 1.43 -5.12
CA LEU A 247 -16.82 2.58 -4.28
C LEU A 247 -16.26 3.74 -5.07
N ALA A 248 -15.30 3.45 -5.93
CA ALA A 248 -14.67 4.46 -6.71
C ALA A 248 -15.65 5.19 -7.62
N GLU A 249 -16.61 4.46 -8.16
CA GLU A 249 -17.63 5.05 -9.04
C GLU A 249 -18.64 5.92 -8.28
N ARG A 250 -18.84 5.63 -7.01
CA ARG A 250 -19.65 6.47 -6.11
C ARG A 250 -18.88 7.72 -5.63
N GLY A 251 -17.63 7.86 -6.04
CA GLY A 251 -16.82 8.97 -5.56
C GLY A 251 -16.35 8.78 -4.12
N HIS A 252 -16.33 7.53 -3.68
CA HIS A 252 -15.89 7.15 -2.34
C HIS A 252 -14.41 6.81 -2.37
N TYR A 253 -13.59 7.74 -1.89
CA TYR A 253 -12.15 7.63 -2.00
C TYR A 253 -11.45 7.84 -0.65
N PRO A 254 -10.39 7.06 -0.33
CA PRO A 254 -9.81 5.86 -0.99
C PRO A 254 -10.89 4.81 -1.16
N ALA A 255 -10.90 4.06 -2.27
CA ALA A 255 -12.01 3.14 -2.50
C ALA A 255 -11.76 1.83 -1.77
N ILE A 256 -11.45 1.90 -0.48
CA ILE A 256 -11.13 0.69 0.27
C ILE A 256 -12.40 -0.07 0.72
N ASP A 257 -12.46 -1.33 0.32
CA ASP A 257 -13.53 -2.25 0.72
C ASP A 257 -13.19 -2.81 2.10
N VAL A 258 -13.71 -2.19 3.15
CA VAL A 258 -13.36 -2.52 4.53
C VAL A 258 -13.60 -4.00 4.89
N LEU A 259 -14.74 -4.53 4.51
CA LEU A 259 -15.07 -5.89 4.90
C LEU A 259 -14.14 -6.90 4.20
N ALA A 260 -13.59 -6.55 3.04
CA ALA A 260 -12.65 -7.45 2.36
C ALA A 260 -11.18 -7.16 2.70
N THR A 261 -10.95 -6.20 3.58
CA THR A 261 -9.60 -5.78 3.92
C THR A 261 -9.20 -6.35 5.28
N LEU A 262 -7.99 -6.89 5.35
CA LEU A 262 -7.55 -7.52 6.59
C LEU A 262 -6.06 -7.30 6.83
N SER A 263 -5.72 -7.04 8.08
CA SER A 263 -4.31 -7.03 8.48
C SER A 263 -4.02 -8.09 9.52
N ARG A 264 -3.08 -8.99 9.21
CA ARG A 264 -2.81 -10.11 10.11
C ARG A 264 -2.22 -9.67 11.46
N VAL A 265 -1.57 -8.50 11.52
CA VAL A 265 -0.99 -8.06 12.80
C VAL A 265 -1.92 -7.15 13.61
N PHE A 266 -3.14 -6.95 13.12
CA PHE A 266 -4.12 -6.09 13.79
C PHE A 266 -4.28 -6.34 15.30
N PRO A 267 -4.42 -7.61 15.73
CA PRO A 267 -4.64 -7.80 17.17
C PRO A 267 -3.43 -7.47 18.02
N VAL A 268 -2.22 -7.52 17.47
CA VAL A 268 -1.02 -7.28 18.27
C VAL A 268 -0.54 -5.81 18.26
N VAL A 269 -0.90 -5.01 17.27
CA VAL A 269 -0.38 -3.64 17.23
C VAL A 269 -1.39 -2.58 17.67
N THR A 270 -2.54 -3.01 18.17
CA THR A 270 -3.60 -2.10 18.55
C THR A 270 -3.94 -2.22 20.03
N SER A 271 -4.62 -1.21 20.56
CA SER A 271 -5.14 -1.31 21.91
C SER A 271 -6.49 -2.00 21.94
N HIS A 272 -6.89 -2.45 23.13
CA HIS A 272 -8.21 -3.01 23.33
C HIS A 272 -9.34 -2.03 22.96
N GLU A 273 -9.21 -0.77 23.35
CA GLU A 273 -10.20 0.25 23.02
C GLU A 273 -10.42 0.32 21.50
N HIS A 274 -9.29 0.37 20.79
CA HIS A 274 -9.22 0.37 19.34
C HIS A 274 -9.95 -0.86 18.77
N ARG A 275 -9.64 -2.03 19.30
CA ARG A 275 -10.19 -3.26 18.73
C ARG A 275 -11.70 -3.30 18.85
N GLN A 276 -12.21 -2.86 20.01
CA GLN A 276 -13.65 -2.75 20.24
C GLN A 276 -14.34 -1.80 19.26
N LEU A 277 -13.72 -0.65 19.00
CA LEU A 277 -14.28 0.31 18.05
C LEU A 277 -14.31 -0.30 16.64
N ALA A 278 -13.19 -0.91 16.25
CA ALA A 278 -13.10 -1.51 14.93
C ALA A 278 -14.16 -2.60 14.71
N ALA A 279 -14.46 -3.36 15.76
CA ALA A 279 -15.49 -4.41 15.70
C ALA A 279 -16.91 -3.86 15.53
N ILE A 280 -17.22 -2.76 16.22
CA ILE A 280 -18.49 -2.11 16.05
C ILE A 280 -18.62 -1.65 14.61
N LEU A 281 -17.56 -1.03 14.10
CA LEU A 281 -17.54 -0.52 12.73
C LEU A 281 -17.82 -1.63 11.70
N ARG A 282 -17.08 -2.74 11.77
CA ARG A 282 -17.27 -3.86 10.84
C ARG A 282 -18.65 -4.49 10.92
N ARG A 283 -19.11 -4.71 12.16
CA ARG A 283 -20.45 -5.19 12.41
C ARG A 283 -21.50 -4.30 11.73
N CYS A 284 -21.37 -2.99 11.90
CA CYS A 284 -22.27 -2.06 11.24
C CYS A 284 -22.27 -2.18 9.71
N LEU A 285 -21.08 -2.22 9.11
CA LEU A 285 -21.01 -2.35 7.67
C LEU A 285 -21.61 -3.69 7.22
N ALA A 286 -21.34 -4.75 7.98
CA ALA A 286 -21.84 -6.07 7.59
C ALA A 286 -23.37 -6.13 7.67
N LEU A 287 -23.92 -5.66 8.78
CA LEU A 287 -25.35 -5.54 8.92
C LEU A 287 -25.96 -4.66 7.84
N TYR A 288 -25.30 -3.56 7.52
CA TYR A 288 -25.83 -2.63 6.52
C TYR A 288 -25.89 -3.29 5.15
N GLN A 289 -24.79 -3.94 4.75
CA GLN A 289 -24.72 -4.61 3.47
C GLN A 289 -25.85 -5.62 3.28
N GLU A 290 -26.25 -6.26 4.36
CA GLU A 290 -27.28 -7.30 4.22
C GLU A 290 -28.67 -6.73 3.97
N VAL A 291 -28.84 -5.46 4.32
CA VAL A 291 -30.16 -4.87 4.24
C VAL A 291 -30.19 -3.78 3.17
N GLU A 292 -29.04 -3.59 2.51
CA GLU A 292 -28.88 -2.56 1.49
C GLU A 292 -29.94 -2.64 0.38
N LEU A 293 -30.25 -3.84 -0.07
CA LEU A 293 -31.26 -4.02 -1.12
C LEU A 293 -32.65 -3.60 -0.64
N LEU A 294 -33.07 -4.09 0.52
CA LEU A 294 -34.31 -3.65 1.15
C LEU A 294 -34.46 -2.13 1.18
N ILE A 295 -33.37 -1.44 1.52
CA ILE A 295 -33.39 0.02 1.54
C ILE A 295 -33.57 0.61 0.15
N ARG A 296 -32.76 0.12 -0.78
CA ARG A 296 -32.73 0.61 -2.15
C ARG A 296 -34.09 0.49 -2.84
N ILE A 297 -34.86 -0.53 -2.48
CA ILE A 297 -36.18 -0.70 -3.06
C ILE A 297 -37.24 -0.13 -2.12
N GLY A 298 -36.78 0.49 -1.04
CA GLY A 298 -37.67 1.12 -0.08
C GLY A 298 -38.62 0.19 0.65
N GLU A 299 -38.12 -0.96 1.11
CA GLU A 299 -38.97 -1.92 1.79
C GLU A 299 -38.53 -2.17 3.23
N TYR A 300 -37.53 -1.43 3.69
CA TYR A 300 -37.06 -1.61 5.05
C TYR A 300 -38.04 -1.02 6.07
N GLN A 301 -38.22 -1.76 7.14
CA GLN A 301 -39.11 -1.41 8.21
C GLN A 301 -38.42 -1.36 9.54
N ARG A 302 -38.36 -0.17 10.12
CA ARG A 302 -37.78 0.00 11.44
C ARG A 302 -38.50 -0.77 12.56
N GLY A 303 -37.87 -0.84 13.71
CA GLY A 303 -38.46 -1.51 14.83
C GLY A 303 -38.43 -2.98 14.61
N VAL A 304 -38.34 -3.37 13.36
CA VAL A 304 -38.20 -4.76 13.05
C VAL A 304 -36.99 -5.33 13.78
N ASP A 305 -35.80 -4.87 13.43
CA ASP A 305 -34.53 -5.42 13.93
C ASP A 305 -33.65 -4.31 14.47
N THR A 306 -33.42 -4.30 15.77
CA THR A 306 -32.80 -3.17 16.43
C THR A 306 -31.36 -2.95 16.02
N ASP A 307 -30.61 -4.03 15.98
CA ASP A 307 -29.24 -4.02 15.60
C ASP A 307 -29.02 -3.43 14.24
N THR A 308 -29.83 -3.83 13.29
CA THR A 308 -29.74 -3.32 11.95
C THR A 308 -30.16 -1.88 11.89
N ASP A 309 -31.17 -1.54 12.66
CA ASP A 309 -31.62 -0.16 12.81
C ASP A 309 -30.45 0.75 13.24
N LYS A 310 -29.72 0.34 14.27
CA LYS A 310 -28.54 1.09 14.73
C LYS A 310 -27.47 1.15 13.65
N ALA A 311 -27.24 0.03 12.97
CA ALA A 311 -26.29 0.00 11.87
C ALA A 311 -26.66 1.04 10.81
N ILE A 312 -27.93 1.11 10.46
CA ILE A 312 -28.36 2.04 9.42
C ILE A 312 -28.22 3.50 9.84
N ASP A 313 -28.59 3.80 11.09
CA ASP A 313 -28.40 5.13 11.64
C ASP A 313 -26.93 5.54 11.67
N THR A 314 -26.04 4.54 11.82
CA THR A 314 -24.62 4.79 12.02
C THR A 314 -23.86 4.89 10.69
N TYR A 315 -24.39 4.17 9.70
CA TYR A 315 -23.79 4.05 8.36
C TYR A 315 -23.36 5.35 7.68
N PRO A 316 -24.21 6.39 7.70
CA PRO A 316 -23.74 7.61 7.01
C PRO A 316 -22.52 8.24 7.68
N ASP A 317 -22.42 8.16 9.00
CA ASP A 317 -21.25 8.72 9.67
C ASP A 317 -20.03 7.87 9.35
N ILE A 318 -20.22 6.56 9.28
CA ILE A 318 -19.10 5.70 8.95
C ILE A 318 -18.56 6.01 7.55
N CYS A 319 -19.46 6.26 6.60
CA CYS A 319 -19.04 6.59 5.23
C CYS A 319 -18.21 7.86 5.16
N THR A 320 -18.62 8.87 5.92
CA THR A 320 -17.92 10.14 5.99
C THR A 320 -16.53 9.95 6.61
N PHE A 321 -16.48 9.09 7.62
CA PHE A 321 -15.23 8.74 8.31
C PHE A 321 -14.25 8.08 7.34
N LEU A 322 -14.78 7.22 6.47
CA LEU A 322 -13.95 6.43 5.58
C LEU A 322 -13.45 7.23 4.38
N ARG A 323 -14.32 8.08 3.84
CA ARG A 323 -13.94 8.95 2.73
C ARG A 323 -12.97 10.01 3.24
N GLN A 324 -11.85 10.14 2.55
CA GLN A 324 -10.79 10.98 3.08
C GLN A 324 -10.11 11.75 1.98
N SER A 325 -9.98 13.06 2.18
CA SER A 325 -9.19 13.91 1.29
C SER A 325 -7.73 13.47 1.20
N LYS A 326 -7.20 13.53 -0.01
CA LYS A 326 -5.82 13.09 -0.25
C LYS A 326 -4.79 13.96 0.46
N ASP A 327 -5.23 15.10 0.98
CA ASP A 327 -4.33 16.00 1.70
C ASP A 327 -4.47 15.87 3.21
N GLU A 328 -5.40 15.06 3.67
CA GLU A 328 -5.62 14.89 5.11
C GLU A 328 -4.83 13.70 5.63
N VAL A 329 -4.03 13.94 6.67
CA VAL A 329 -3.32 12.89 7.38
C VAL A 329 -3.86 12.80 8.82
N CYS A 330 -4.50 11.68 9.16
CA CYS A 330 -5.07 11.51 10.50
C CYS A 330 -4.19 10.68 11.46
N GLY A 331 -3.68 11.31 12.51
CA GLY A 331 -2.93 10.59 13.54
C GLY A 331 -3.84 9.73 14.39
N PRO A 332 -3.25 8.83 15.21
CA PRO A 332 -3.99 7.84 16.00
C PRO A 332 -4.88 8.44 17.11
N GLU A 333 -4.48 9.54 17.74
CA GLU A 333 -5.30 10.16 18.79
C GLU A 333 -6.64 10.61 18.20
N LEU A 334 -6.56 11.31 17.08
CA LEU A 334 -7.72 11.83 16.38
C LEU A 334 -8.59 10.67 15.84
N LEU A 335 -7.94 9.68 15.25
CA LEU A 335 -8.60 8.47 14.77
C LEU A 335 -9.56 7.89 15.81
N ILE A 336 -9.01 7.61 16.98
CA ILE A 336 -9.76 7.00 18.08
C ILE A 336 -10.90 7.93 18.52
N GLU A 337 -10.59 9.22 18.60
CA GLU A 337 -11.60 10.20 18.99
C GLU A 337 -12.78 10.23 17.98
N LYS A 338 -12.48 10.22 16.69
CA LYS A 338 -13.54 10.19 15.68
C LYS A 338 -14.38 8.89 15.73
N LEU A 339 -13.72 7.75 15.96
CA LEU A 339 -14.44 6.48 16.06
C LEU A 339 -15.39 6.52 17.27
N HIS A 340 -14.91 7.03 18.39
CA HIS A 340 -15.78 7.19 19.57
C HIS A 340 -17.00 8.04 19.29
N GLN A 341 -16.77 9.17 18.63
CA GLN A 341 -17.83 10.12 18.37
C GLN A 341 -18.94 9.52 17.50
N ILE A 342 -18.58 8.62 16.60
CA ILE A 342 -19.58 8.13 15.66
C ILE A 342 -20.16 6.78 16.05
N LEU A 343 -19.40 6.00 16.83
CA LEU A 343 -19.82 4.63 17.16
C LEU A 343 -20.34 4.54 18.59
N THR A 344 -19.86 5.43 19.45
CA THR A 344 -20.12 5.35 20.90
C THR A 344 -20.96 6.52 21.40
#